data_1LY3
#
_entry.id   1LY3
#
_cell.length_a   37.373
_cell.length_b   43.263
_cell.length_c   61.372
_cell.angle_alpha   90.00
_cell.angle_beta   94.77
_cell.angle_gamma   90.00
#
_symmetry.space_group_name_H-M   'P 1 21 1'
#
loop_
_entity.id
_entity.type
_entity.pdbx_description
1 polymer 'DIHYDROFOLATE REDUCTASE'
2 non-polymer 'NADP NICOTINAMIDE-ADENINE-DINUCLEOTIDE PHOSPHATE'
3 non-polymer "2,4-DIAMINO-6-[N-(2',5'-DIMETHOXYBENZYL)-N-METHYLAMINO]QUINAZOLINE"
4 water water
#
_entity_poly.entity_id   1
_entity_poly.type   'polypeptide(L)'
_entity_poly.pdbx_seq_one_letter_code
;MNQQKSLTLIVALTTSYGIGRSNSLPWKLKKEISYFKRVTSFVPTFDSFESMNVVLMGRKTWESIPLQFRPLKGRINVVI
TRNESLDLGNGIHSAKSLDHALELLYRTYGSESSVQINRIFVIGGAQLYKAAMDHPKLDRIMATIIYKDIHCDVFFPLKF
RDKEWSSVWKKEKHSDLESWVGTKVPHGKINEDGFDYEFEMWTRDL
;
_entity_poly.pdbx_strand_id   A
#
# COMPACT_ATOMS: atom_id res chain seq x y z
N MET A 1 -7.39 17.82 13.74
CA MET A 1 -7.33 16.42 13.31
C MET A 1 -6.49 16.26 12.04
N ASN A 2 -5.49 15.38 12.11
CA ASN A 2 -4.68 15.18 10.88
C ASN A 2 -3.96 13.84 10.85
N GLN A 3 -3.20 13.58 11.90
CA GLN A 3 -2.44 12.32 11.95
C GLN A 3 -2.02 12.02 13.39
N GLN A 4 -2.29 10.77 13.69
CA GLN A 4 -2.05 10.10 14.95
C GLN A 4 -1.45 8.73 14.61
N LYS A 5 -2.07 8.18 13.56
CA LYS A 5 -1.71 6.86 13.01
C LYS A 5 -0.50 6.91 12.08
N SER A 6 0.20 5.80 12.05
CA SER A 6 1.35 5.53 11.18
C SER A 6 0.72 5.06 9.85
N LEU A 7 1.53 5.30 8.82
CA LEU A 7 1.22 4.98 7.42
C LEU A 7 2.05 3.78 7.02
N THR A 8 1.49 2.92 6.19
CA THR A 8 2.18 1.73 5.69
C THR A 8 2.06 1.81 4.16
N LEU A 9 3.19 1.70 3.52
CA LEU A 9 3.33 1.69 2.08
C LEU A 9 3.38 0.24 1.62
N ILE A 10 2.70 -0.12 0.57
CA ILE A 10 2.75 -1.56 0.11
C ILE A 10 3.00 -1.39 -1.38
N VAL A 11 4.03 -2.12 -1.83
CA VAL A 11 4.56 -2.18 -3.16
C VAL A 11 5.19 -3.51 -3.60
N ALA A 12 5.11 -3.67 -4.92
CA ALA A 12 5.68 -4.83 -5.61
C ALA A 12 6.64 -4.18 -6.60
N LEU A 13 7.92 -4.46 -6.43
CA LEU A 13 8.93 -3.85 -7.30
C LEU A 13 10.07 -4.76 -7.76
N THR A 14 10.71 -4.44 -8.86
CA THR A 14 11.89 -5.27 -9.31
C THR A 14 13.14 -4.76 -8.60
N THR A 15 14.20 -5.54 -8.66
CA THR A 15 15.47 -5.15 -8.01
C THR A 15 16.04 -3.86 -8.53
N SER A 16 15.54 -3.33 -9.62
CA SER A 16 15.84 -2.08 -10.29
C SER A 16 14.81 -0.99 -9.93
N TYR A 17 13.97 -1.32 -8.94
CA TYR A 17 12.92 -0.40 -8.45
C TYR A 17 11.84 -0.12 -9.48
N GLY A 18 11.68 -0.93 -10.52
CA GLY A 18 10.61 -0.68 -11.52
C GLY A 18 9.28 -1.07 -10.89
N ILE A 19 8.26 -0.23 -11.06
CA ILE A 19 6.96 -0.57 -10.43
C ILE A 19 5.85 -0.67 -11.45
N GLY A 20 6.11 -0.33 -12.70
CA GLY A 20 5.06 -0.45 -13.69
C GLY A 20 5.46 -0.11 -15.10
N ARG A 21 4.59 -0.37 -16.02
CA ARG A 21 4.77 -0.15 -17.46
C ARG A 21 3.38 0.11 -18.06
N SER A 22 3.34 1.22 -18.81
CA SER A 22 2.10 1.66 -19.52
C SER A 22 0.80 1.59 -18.73
N ASN A 23 0.75 2.21 -17.59
CA ASN A 23 -0.31 2.31 -16.58
C ASN A 23 -0.93 0.99 -16.14
N SER A 24 -0.05 -0.01 -16.13
CA SER A 24 -0.41 -1.36 -15.65
C SER A 24 0.82 -2.04 -15.07
N LEU A 25 0.60 -3.29 -14.67
CA LEU A 25 1.61 -4.17 -14.08
C LEU A 25 2.11 -5.13 -15.17
N PRO A 26 3.39 -4.95 -15.43
CA PRO A 26 4.09 -5.74 -16.41
C PRO A 26 4.38 -7.17 -15.98
N TRP A 27 3.59 -7.73 -15.12
CA TRP A 27 3.72 -9.09 -14.62
C TRP A 27 2.32 -9.55 -14.16
N LYS A 28 2.15 -10.86 -14.16
CA LYS A 28 0.93 -11.58 -13.77
C LYS A 28 1.28 -12.60 -12.68
N LEU A 29 1.18 -12.14 -11.44
CA LEU A 29 1.44 -12.81 -10.18
C LEU A 29 0.16 -12.91 -9.36
N LYS A 30 -0.55 -13.99 -9.55
CA LYS A 30 -1.84 -14.21 -8.94
C LYS A 30 -1.72 -14.37 -7.45
N LYS A 31 -0.66 -14.96 -6.98
CA LYS A 31 -0.44 -15.11 -5.55
C LYS A 31 0.12 -13.85 -4.90
N GLU A 32 0.68 -12.99 -5.73
CA GLU A 32 1.21 -11.69 -5.30
C GLU A 32 -0.04 -10.83 -5.01
N ILE A 33 -1.03 -10.89 -5.86
CA ILE A 33 -2.35 -10.21 -5.71
C ILE A 33 -3.09 -10.74 -4.46
N SER A 34 -3.05 -12.04 -4.19
CA SER A 34 -3.68 -12.61 -2.98
C SER A 34 -2.93 -12.13 -1.75
N TYR A 35 -1.60 -11.99 -1.79
CA TYR A 35 -0.93 -11.50 -0.56
C TYR A 35 -1.43 -10.05 -0.36
N PHE A 36 -1.40 -9.21 -1.36
CA PHE A 36 -1.89 -7.82 -1.27
C PHE A 36 -3.24 -7.73 -0.60
N LYS A 37 -4.18 -8.51 -1.20
CA LYS A 37 -5.56 -8.53 -0.67
C LYS A 37 -5.61 -8.85 0.81
N ARG A 38 -4.92 -9.82 1.28
CA ARG A 38 -4.79 -10.35 2.62
C ARG A 38 -4.22 -9.33 3.60
N VAL A 39 -3.09 -8.77 3.14
CA VAL A 39 -2.40 -7.80 3.97
C VAL A 39 -3.32 -6.57 4.18
N THR A 40 -3.80 -6.04 3.10
CA THR A 40 -4.61 -4.80 3.10
C THR A 40 -5.97 -5.02 3.72
N SER A 41 -6.35 -6.29 3.82
CA SER A 41 -7.67 -6.62 4.42
C SER A 41 -7.68 -7.00 5.88
N PHE A 42 -6.65 -7.62 6.39
CA PHE A 42 -6.54 -8.08 7.74
C PHE A 42 -6.75 -7.06 8.85
N VAL A 43 -7.63 -7.47 9.74
CA VAL A 43 -8.00 -6.73 10.97
C VAL A 43 -8.18 -7.76 12.08
N PRO A 44 -7.62 -7.58 13.24
CA PRO A 44 -7.73 -8.49 14.37
C PRO A 44 -9.21 -8.79 14.66
N THR A 45 -9.42 -10.11 14.88
CA THR A 45 -10.80 -10.60 15.11
C THR A 45 -11.50 -9.82 16.23
N PHE A 46 -10.80 -9.50 17.31
CA PHE A 46 -11.51 -8.77 18.38
C PHE A 46 -12.14 -7.49 17.82
N ASP A 47 -11.52 -6.92 16.77
CA ASP A 47 -11.85 -5.62 16.18
C ASP A 47 -12.57 -5.73 14.85
N SER A 48 -12.79 -6.97 14.45
CA SER A 48 -13.35 -7.31 13.13
C SER A 48 -14.78 -6.80 12.93
N PHE A 49 -15.77 -6.45 14.01
CA PHE A 49 -17.02 -6.02 13.38
C PHE A 49 -17.09 -4.48 13.27
N GLU A 50 -16.24 -3.77 14.02
CA GLU A 50 -16.25 -2.30 14.02
C GLU A 50 -15.19 -1.71 13.07
N SER A 51 -13.98 -2.31 12.98
CA SER A 51 -12.90 -1.74 12.16
C SER A 51 -12.66 -2.27 10.76
N MET A 52 -11.99 -1.35 10.02
CA MET A 52 -11.58 -1.63 8.64
C MET A 52 -10.24 -0.88 8.33
N ASN A 53 -9.63 -1.35 7.25
CA ASN A 53 -8.35 -0.66 6.81
C ASN A 53 -8.81 0.27 5.70
N VAL A 54 -7.84 1.20 5.53
CA VAL A 54 -8.00 2.18 4.44
C VAL A 54 -6.96 2.01 3.31
N VAL A 55 -7.35 2.09 2.05
CA VAL A 55 -6.36 2.07 0.97
C VAL A 55 -6.37 3.41 0.29
N LEU A 56 -5.18 4.06 0.31
CA LEU A 56 -4.99 5.34 -0.37
C LEU A 56 -4.22 5.09 -1.69
N MET A 57 -4.78 5.65 -2.77
CA MET A 57 -4.19 5.48 -4.09
C MET A 57 -4.30 6.74 -4.90
N GLY A 58 -3.45 6.94 -5.83
CA GLY A 58 -3.33 8.02 -6.81
C GLY A 58 -4.47 7.75 -7.81
N ARG A 59 -4.87 8.77 -8.55
CA ARG A 59 -5.96 8.58 -9.52
C ARG A 59 -5.48 7.64 -10.62
N LYS A 60 -4.24 7.69 -11.09
CA LYS A 60 -3.86 6.70 -12.15
C LYS A 60 -3.95 5.27 -11.65
N THR A 61 -3.51 4.97 -10.43
CA THR A 61 -3.64 3.60 -9.91
C THR A 61 -5.11 3.23 -9.87
N TRP A 62 -6.03 4.17 -9.48
CA TRP A 62 -7.45 3.84 -9.41
C TRP A 62 -7.88 3.41 -10.83
N GLU A 63 -7.49 4.18 -11.82
CA GLU A 63 -7.89 3.82 -13.18
C GLU A 63 -7.37 2.48 -13.69
N SER A 64 -6.51 1.81 -12.95
CA SER A 64 -5.79 0.59 -13.21
C SER A 64 -6.37 -0.69 -12.70
N ILE A 65 -7.19 -0.64 -11.70
CA ILE A 65 -7.81 -1.83 -11.11
C ILE A 65 -8.98 -2.20 -12.05
N PRO A 66 -9.08 -3.48 -12.35
CA PRO A 66 -10.15 -3.93 -13.24
C PRO A 66 -11.41 -3.39 -12.62
N LEU A 67 -12.32 -2.88 -13.60
CA LEU A 67 -13.63 -2.35 -13.19
C LEU A 67 -14.32 -3.35 -12.25
N GLN A 68 -13.90 -4.56 -12.40
CA GLN A 68 -14.45 -5.73 -11.69
C GLN A 68 -13.90 -5.79 -10.26
N PHE A 69 -12.74 -5.16 -10.03
CA PHE A 69 -12.09 -5.19 -8.69
C PHE A 69 -12.02 -3.80 -8.04
N ARG A 70 -12.92 -2.99 -8.40
CA ARG A 70 -13.19 -1.66 -7.93
C ARG A 70 -14.55 -1.41 -7.31
N PRO A 71 -14.63 -0.93 -6.11
CA PRO A 71 -13.53 -0.58 -5.19
C PRO A 71 -12.99 -1.82 -4.49
N LEU A 72 -11.83 -1.69 -3.87
CA LEU A 72 -11.29 -2.84 -3.17
C LEU A 72 -12.28 -3.09 -2.08
N LYS A 73 -12.77 -4.28 -1.92
CA LYS A 73 -13.72 -4.77 -0.98
C LYS A 73 -13.30 -5.00 0.42
N GLY A 74 -14.08 -4.55 1.35
CA GLY A 74 -13.81 -4.75 2.76
C GLY A 74 -12.78 -3.74 3.26
N ARG A 75 -12.45 -2.81 2.44
CA ARG A 75 -11.53 -1.72 2.76
C ARG A 75 -12.09 -0.33 2.37
N ILE A 76 -11.71 0.66 3.11
CA ILE A 76 -12.16 2.05 2.76
C ILE A 76 -11.20 2.61 1.71
N ASN A 77 -11.74 2.99 0.55
CA ASN A 77 -10.98 3.49 -0.58
C ASN A 77 -11.02 5.03 -0.67
N VAL A 78 -9.77 5.50 -0.83
CA VAL A 78 -9.64 6.98 -0.97
C VAL A 78 -8.75 7.24 -2.15
N VAL A 79 -9.12 7.99 -3.13
CA VAL A 79 -8.38 8.38 -4.30
C VAL A 79 -7.88 9.82 -4.15
N ILE A 80 -6.59 10.03 -4.38
CA ILE A 80 -5.96 11.35 -4.27
C ILE A 80 -5.95 11.96 -5.66
N THR A 81 -6.51 13.13 -5.89
CA THR A 81 -6.64 13.74 -7.19
C THR A 81 -6.81 15.24 -6.98
N ARG A 82 -6.18 16.07 -7.77
CA ARG A 82 -6.36 17.54 -7.57
C ARG A 82 -7.64 17.90 -8.34
N ASN A 83 -7.67 17.29 -9.50
CA ASN A 83 -8.64 17.33 -10.57
C ASN A 83 -9.85 16.49 -10.21
N GLU A 84 -10.16 16.67 -8.93
CA GLU A 84 -11.39 15.96 -8.45
C GLU A 84 -12.38 16.85 -9.23
N SER A 85 -12.99 16.29 -10.24
CA SER A 85 -13.97 17.12 -11.03
C SER A 85 -15.26 16.51 -10.46
N LEU A 86 -15.26 15.21 -10.74
CA LEU A 86 -16.32 14.31 -10.33
C LEU A 86 -15.73 12.91 -10.26
N ASP A 87 -15.58 12.47 -9.01
CA ASP A 87 -15.01 11.08 -8.88
C ASP A 87 -16.35 10.32 -8.69
N LEU A 88 -16.62 9.44 -9.42
CA LEU A 88 -17.79 8.54 -9.41
C LEU A 88 -17.52 7.43 -8.39
N GLY A 89 -18.51 7.18 -7.57
CA GLY A 89 -18.37 6.19 -6.52
C GLY A 89 -19.34 6.53 -5.39
N ASN A 90 -19.98 5.47 -5.03
CA ASN A 90 -21.03 5.41 -4.02
C ASN A 90 -20.41 5.17 -2.65
N GLY A 91 -19.52 6.15 -2.41
CA GLY A 91 -18.86 6.21 -1.09
C GLY A 91 -17.37 5.90 -1.09
N ILE A 92 -16.79 6.35 -2.17
CA ILE A 92 -15.37 6.29 -2.53
C ILE A 92 -15.03 7.78 -2.28
N HIS A 93 -14.11 7.96 -1.37
CA HIS A 93 -13.72 9.36 -1.04
C HIS A 93 -12.62 9.85 -1.95
N SER A 94 -12.60 11.13 -2.14
CA SER A 94 -11.64 11.85 -3.01
C SER A 94 -10.96 12.85 -2.09
N ALA A 95 -9.72 13.13 -2.16
CA ALA A 95 -9.05 14.15 -1.30
C ALA A 95 -7.92 14.63 -2.20
N LYS A 96 -7.65 15.91 -2.03
CA LYS A 96 -6.64 16.55 -2.90
C LYS A 96 -5.20 16.32 -2.54
N SER A 97 -4.89 15.78 -1.39
CA SER A 97 -3.49 15.53 -1.01
C SER A 97 -3.60 14.47 0.07
N LEU A 98 -2.40 13.96 0.38
CA LEU A 98 -2.25 12.93 1.40
C LEU A 98 -2.76 13.39 2.73
N ASP A 99 -2.38 14.59 3.18
CA ASP A 99 -2.85 15.12 4.46
C ASP A 99 -4.35 15.49 4.40
N HIS A 100 -4.72 15.84 3.18
CA HIS A 100 -6.18 16.17 2.98
C HIS A 100 -6.96 14.87 3.17
N ALA A 101 -6.44 13.76 2.68
CA ALA A 101 -7.18 12.49 2.95
C ALA A 101 -7.20 12.10 4.40
N LEU A 102 -6.10 12.28 5.13
CA LEU A 102 -6.03 11.94 6.56
C LEU A 102 -7.06 12.70 7.38
N GLU A 103 -7.13 14.02 7.14
CA GLU A 103 -8.17 14.76 7.93
C GLU A 103 -9.58 14.35 7.53
N LEU A 104 -9.87 13.99 6.31
CA LEU A 104 -11.20 13.56 5.84
C LEU A 104 -11.50 12.27 6.53
N LEU A 105 -10.58 11.29 6.59
CA LEU A 105 -10.93 10.00 7.27
C LEU A 105 -11.10 10.30 8.76
N TYR A 106 -10.29 11.16 9.29
CA TYR A 106 -10.34 11.49 10.74
C TYR A 106 -11.65 12.18 11.11
N ARG A 107 -12.20 12.91 10.16
CA ARG A 107 -13.45 13.64 10.27
C ARG A 107 -14.65 12.69 10.03
N THR A 108 -14.59 12.00 8.92
CA THR A 108 -15.65 11.08 8.52
C THR A 108 -15.77 9.84 9.38
N TYR A 109 -14.77 9.40 10.11
CA TYR A 109 -14.75 8.23 10.98
C TYR A 109 -14.28 8.40 12.40
N GLY A 110 -14.92 9.21 13.21
CA GLY A 110 -14.50 9.45 14.62
C GLY A 110 -15.55 8.81 15.51
N SER A 111 -15.31 8.84 16.79
CA SER A 111 -16.12 8.27 17.86
C SER A 111 -17.61 8.01 17.61
N GLU A 112 -18.18 8.81 16.77
CA GLU A 112 -19.55 8.91 16.30
C GLU A 112 -19.75 8.07 15.05
N SER A 113 -18.70 7.32 14.73
CA SER A 113 -18.79 6.45 13.52
C SER A 113 -18.95 5.00 13.98
N SER A 114 -19.86 4.36 13.26
CA SER A 114 -20.18 2.95 13.46
C SER A 114 -19.05 2.12 12.85
N VAL A 115 -18.22 2.83 12.11
CA VAL A 115 -17.07 2.33 11.40
C VAL A 115 -15.86 3.14 11.87
N GLN A 116 -14.94 2.36 12.36
CA GLN A 116 -13.65 2.74 12.89
C GLN A 116 -12.52 2.35 11.91
N ILE A 117 -11.42 3.06 11.97
CA ILE A 117 -10.27 2.75 11.05
C ILE A 117 -9.22 1.94 11.75
N ASN A 118 -8.72 0.88 11.12
CA ASN A 118 -7.65 0.08 11.76
C ASN A 118 -6.27 0.55 11.30
N ARG A 119 -5.93 0.14 10.10
CA ARG A 119 -4.67 0.49 9.46
C ARG A 119 -4.93 1.27 8.21
N ILE A 120 -3.98 2.09 7.82
CA ILE A 120 -3.93 2.95 6.67
C ILE A 120 -2.76 2.51 5.75
N PHE A 121 -3.05 2.21 4.53
CA PHE A 121 -2.08 1.80 3.54
C PHE A 121 -1.95 2.63 2.30
N VAL A 122 -0.74 2.94 1.90
CA VAL A 122 -0.56 3.70 0.62
C VAL A 122 -0.31 2.58 -0.39
N ILE A 123 -1.14 2.45 -1.40
CA ILE A 123 -0.98 1.36 -2.39
C ILE A 123 -0.52 1.78 -3.76
N GLY A 124 -0.13 3.06 -3.94
CA GLY A 124 0.46 3.51 -5.22
C GLY A 124 -0.19 4.68 -5.90
N GLY A 125 0.33 5.22 -6.97
CA GLY A 125 1.52 4.85 -7.73
C GLY A 125 2.67 5.73 -7.27
N ALA A 126 3.62 5.81 -8.18
CA ALA A 126 4.91 6.52 -8.02
C ALA A 126 4.70 7.91 -7.46
N GLN A 127 3.80 8.69 -8.04
CA GLN A 127 3.65 10.07 -7.46
C GLN A 127 3.14 10.05 -6.04
N LEU A 128 2.17 9.23 -5.68
CA LEU A 128 1.67 9.17 -4.32
C LEU A 128 2.74 8.58 -3.43
N TYR A 129 3.47 7.61 -3.93
CA TYR A 129 4.58 7.00 -3.19
C TYR A 129 5.62 8.10 -2.86
N LYS A 130 5.93 9.03 -3.65
CA LYS A 130 6.91 10.10 -3.42
C LYS A 130 6.42 10.93 -2.22
N ALA A 131 5.13 11.32 -2.25
CA ALA A 131 4.53 12.08 -1.15
C ALA A 131 4.53 11.28 0.13
N ALA A 132 4.23 9.99 0.18
CA ALA A 132 4.25 9.23 1.43
C ALA A 132 5.66 9.08 2.02
N MET A 133 6.65 8.96 1.17
CA MET A 133 8.07 8.81 1.49
C MET A 133 8.56 10.04 2.32
N ASP A 134 8.07 11.19 1.99
CA ASP A 134 8.32 12.47 2.65
C ASP A 134 7.44 12.79 3.85
N HIS A 135 6.37 12.00 4.06
CA HIS A 135 5.44 12.17 5.18
C HIS A 135 6.11 11.69 6.44
N PRO A 136 6.01 12.48 7.51
CA PRO A 136 6.59 12.13 8.82
C PRO A 136 5.85 11.01 9.53
N LYS A 137 4.75 10.47 9.00
CA LYS A 137 4.07 9.37 9.67
C LYS A 137 4.41 8.02 8.97
N LEU A 138 5.12 8.07 7.84
CA LEU A 138 5.41 6.80 7.09
C LEU A 138 6.53 6.02 7.80
N ASP A 139 6.21 4.84 8.35
CA ASP A 139 7.37 4.14 9.05
C ASP A 139 7.60 2.71 8.66
N ARG A 140 6.87 2.21 7.72
CA ARG A 140 6.82 0.84 7.27
C ARG A 140 6.49 0.71 5.80
N ILE A 141 7.28 -0.22 5.21
CA ILE A 141 7.16 -0.57 3.79
C ILE A 141 6.97 -2.11 3.64
N MET A 142 5.86 -2.49 3.05
CA MET A 142 5.62 -3.94 2.81
C MET A 142 6.11 -4.10 1.41
N ALA A 143 7.26 -4.71 1.17
CA ALA A 143 7.70 -4.81 -0.27
C ALA A 143 7.70 -6.19 -0.87
N THR A 144 7.36 -6.29 -2.13
CA THR A 144 7.46 -7.61 -2.79
C THR A 144 8.62 -7.41 -3.77
N ILE A 145 9.74 -8.12 -3.61
CA ILE A 145 10.87 -7.96 -4.49
C ILE A 145 10.80 -8.96 -5.65
N ILE A 146 10.83 -8.44 -6.86
CA ILE A 146 10.78 -9.30 -8.06
C ILE A 146 12.17 -9.38 -8.65
N TYR A 147 12.69 -10.62 -8.64
CA TYR A 147 14.06 -10.86 -9.14
C TYR A 147 14.21 -11.10 -10.64
N LYS A 148 13.73 -10.09 -11.36
CA LYS A 148 13.78 -10.06 -12.83
C LYS A 148 13.82 -8.60 -13.28
N ASP A 149 14.64 -8.24 -14.24
CA ASP A 149 14.70 -6.84 -14.79
C ASP A 149 13.67 -6.82 -15.96
N ILE A 150 12.50 -6.47 -15.54
CA ILE A 150 11.31 -6.38 -16.38
C ILE A 150 11.31 -4.88 -16.78
N HIS A 151 11.18 -4.71 -18.08
CA HIS A 151 11.18 -3.34 -18.60
C HIS A 151 10.00 -2.64 -17.91
N CYS A 152 10.27 -1.50 -17.30
CA CYS A 152 9.27 -0.70 -16.59
C CYS A 152 9.44 0.75 -17.08
N ASP A 153 8.48 1.59 -16.87
CA ASP A 153 8.64 3.00 -17.29
C ASP A 153 8.41 3.92 -16.08
N VAL A 154 8.00 3.42 -14.93
CA VAL A 154 7.71 4.11 -13.68
C VAL A 154 8.51 3.38 -12.60
N PHE A 155 9.23 4.18 -11.79
CA PHE A 155 10.11 3.65 -10.76
C PHE A 155 9.68 4.14 -9.39
N PHE A 156 10.01 3.37 -8.38
CA PHE A 156 9.77 3.65 -6.96
C PHE A 156 10.74 4.84 -6.70
N PRO A 157 10.29 5.90 -6.02
CA PRO A 157 11.10 7.09 -5.86
C PRO A 157 12.30 7.14 -4.95
N LEU A 158 12.48 6.23 -4.03
CA LEU A 158 13.61 6.23 -3.06
C LEU A 158 14.17 4.83 -2.97
N LYS A 159 15.49 4.70 -3.09
CA LYS A 159 16.21 3.40 -3.05
C LYS A 159 16.54 2.96 -1.65
N PHE A 160 15.42 2.61 -1.01
CA PHE A 160 15.28 2.20 0.38
C PHE A 160 16.05 0.94 0.75
N ARG A 161 16.32 0.11 -0.24
CA ARG A 161 17.02 -1.17 0.02
C ARG A 161 18.54 -0.97 -0.23
N ASP A 162 18.95 0.19 -0.70
CA ASP A 162 20.34 0.52 -1.05
C ASP A 162 21.13 0.97 0.18
N LYS A 163 22.43 0.85 0.06
CA LYS A 163 23.42 1.21 1.12
C LYS A 163 23.22 2.63 1.56
N GLU A 164 22.97 3.66 0.72
CA GLU A 164 22.80 5.04 1.20
C GLU A 164 21.71 5.22 2.27
N TRP A 165 20.67 4.35 2.24
CA TRP A 165 19.55 4.40 3.17
C TRP A 165 19.62 3.38 4.27
N SER A 166 20.64 2.60 4.49
CA SER A 166 20.77 1.51 5.42
C SER A 166 20.87 1.89 6.88
N SER A 167 20.95 3.20 7.13
CA SER A 167 20.97 3.57 8.59
C SER A 167 19.56 3.99 8.95
N VAL A 168 18.71 4.26 7.98
CA VAL A 168 17.30 4.67 8.08
C VAL A 168 16.31 3.50 7.98
N TRP A 169 16.34 2.82 6.86
CA TRP A 169 15.47 1.64 6.61
C TRP A 169 16.25 0.35 6.93
N LYS A 170 15.58 -0.52 7.66
CA LYS A 170 16.05 -1.81 8.08
C LYS A 170 15.00 -2.89 7.76
N LYS A 171 15.51 -4.01 7.29
CA LYS A 171 14.60 -5.15 6.98
C LYS A 171 14.40 -5.90 8.28
N GLU A 172 13.16 -6.21 8.54
CA GLU A 172 12.71 -6.98 9.73
C GLU A 172 12.70 -8.51 9.49
N LYS A 173 12.83 -9.25 10.56
CA LYS A 173 12.84 -10.72 10.65
C LYS A 173 11.57 -11.25 10.02
N HIS A 174 11.59 -12.41 9.42
CA HIS A 174 10.35 -12.94 8.74
C HIS A 174 9.31 -13.21 9.80
N SER A 175 9.71 -13.64 10.99
CA SER A 175 8.69 -13.86 12.05
C SER A 175 8.06 -12.47 12.37
N ASP A 176 8.83 -11.38 12.30
CA ASP A 176 8.27 -10.05 12.57
C ASP A 176 7.25 -9.70 11.49
N LEU A 177 7.52 -10.05 10.28
CA LEU A 177 6.57 -9.79 9.19
C LEU A 177 5.25 -10.56 9.41
N GLU A 178 5.33 -11.87 9.59
CA GLU A 178 4.08 -12.66 9.79
C GLU A 178 3.30 -12.18 11.01
N SER A 179 3.97 -11.78 12.08
CA SER A 179 3.21 -11.29 13.22
C SER A 179 2.49 -10.02 12.79
N TRP A 180 3.17 -9.01 12.22
CA TRP A 180 2.37 -7.82 11.84
C TRP A 180 1.16 -8.11 10.97
N VAL A 181 1.24 -8.94 10.00
CA VAL A 181 0.27 -9.35 8.98
C VAL A 181 -0.74 -10.34 9.55
N GLY A 182 -0.52 -10.68 10.79
CA GLY A 182 -1.32 -11.56 11.58
C GLY A 182 -1.51 -13.02 11.21
N THR A 183 -1.00 -13.42 10.08
CA THR A 183 -1.04 -14.74 9.46
C THR A 183 0.37 -15.11 9.03
N LYS A 184 0.55 -16.37 8.69
CA LYS A 184 1.78 -17.00 8.25
C LYS A 184 1.95 -16.77 6.74
N VAL A 185 3.17 -16.44 6.38
CA VAL A 185 3.60 -16.12 5.03
C VAL A 185 4.84 -16.89 4.59
N PRO A 186 4.80 -17.14 3.28
CA PRO A 186 5.86 -17.85 2.60
C PRO A 186 7.21 -17.14 2.80
N HIS A 187 8.13 -17.91 3.35
CA HIS A 187 9.51 -17.56 3.64
C HIS A 187 10.23 -17.87 2.35
N GLY A 188 11.39 -17.37 1.99
CA GLY A 188 12.06 -17.71 0.74
C GLY A 188 11.32 -17.20 -0.48
N LYS A 189 11.85 -17.62 -1.61
CA LYS A 189 11.34 -17.21 -2.92
C LYS A 189 10.20 -18.11 -3.38
N ILE A 190 9.35 -17.43 -4.14
CA ILE A 190 8.14 -17.94 -4.73
C ILE A 190 8.33 -17.84 -6.23
N ASN A 191 8.04 -18.92 -6.95
CA ASN A 191 8.21 -18.79 -8.42
C ASN A 191 6.80 -19.01 -8.96
N GLU A 192 6.45 -18.13 -9.89
CA GLU A 192 5.09 -18.29 -10.44
C GLU A 192 5.10 -17.74 -11.82
N ASP A 193 5.21 -18.55 -12.87
CA ASP A 193 5.16 -17.93 -14.21
C ASP A 193 6.42 -17.18 -14.63
N GLY A 194 7.48 -17.87 -14.26
CA GLY A 194 8.83 -17.43 -14.53
C GLY A 194 9.38 -16.34 -13.63
N PHE A 195 8.63 -15.77 -12.71
CA PHE A 195 9.29 -14.70 -11.87
C PHE A 195 9.63 -15.29 -10.51
N ASP A 196 10.77 -14.93 -9.97
CA ASP A 196 11.19 -15.31 -8.63
C ASP A 196 10.89 -14.02 -7.82
N TYR A 197 10.19 -14.15 -6.74
CA TYR A 197 9.87 -13.00 -5.87
C TYR A 197 9.80 -13.51 -4.44
N GLU A 198 9.92 -12.55 -3.58
CA GLU A 198 9.89 -12.69 -2.13
C GLU A 198 9.31 -11.50 -1.37
N PHE A 199 8.77 -11.72 -0.21
CA PHE A 199 8.11 -10.76 0.66
C PHE A 199 9.01 -10.21 1.77
N GLU A 200 9.07 -8.89 1.85
CA GLU A 200 9.87 -8.27 2.88
C GLU A 200 9.14 -7.14 3.61
N MET A 201 9.54 -6.83 4.78
CA MET A 201 9.02 -5.73 5.62
C MET A 201 10.22 -4.88 6.09
N TRP A 202 10.18 -3.62 5.73
CA TRP A 202 11.21 -2.60 6.08
C TRP A 202 10.54 -1.57 7.02
N THR A 203 11.31 -1.10 8.01
CA THR A 203 10.74 -0.14 8.97
C THR A 203 11.81 0.94 9.27
N ARG A 204 11.37 2.11 9.77
CA ARG A 204 12.28 3.21 10.09
C ARG A 204 11.70 3.76 11.42
N ASP A 205 12.57 4.42 12.12
CA ASP A 205 12.16 5.10 13.38
C ASP A 205 11.73 6.50 12.92
N LEU A 206 10.62 6.94 13.42
CA LEU A 206 10.05 8.26 13.13
C LEU A 206 10.79 9.34 13.88
#